data_3EJW
#
_entry.id   3EJW
#
_cell.length_a   57.848
_cell.length_b   71.488
_cell.length_c   68.035
_cell.angle_alpha   90.000
_cell.angle_beta   98.690
_cell.angle_gamma   90.000
#
_symmetry.space_group_name_H-M   'P 1 21 1'
#
loop_
_entity.id
_entity.type
_entity.pdbx_description
1 polymer SmLsrB
2 non-polymer (2R,4S)-2-methyl-2,3,3,4-tetrahydroxytetrahydrofuran
3 water water
#
_entity_poly.entity_id   1
_entity_poly.type   'polypeptide(L)'
_entity_poly.pdbx_seq_one_letter_code
;ENQIAFIPKLVGVGFFTSGGAGAVKAGEEVGAKVTYDGPTEPSVSGQVQFINNFVNQGYNALIVSSVSPDGLCPALKRAM
ERGVLVMTWDSDVNPDCRSYYINQGTPEQLGGLLVDMAAEGVKKEKAKVAFFYSSPTVTDQNAWAEAAKAKIAKEHPGWE
IVTTQYGYNDAQKSLQTAESILQTYPDLDAIIAPDANALPAAAQAAENLKRAEGVTIVGFSTPNVMRPYIERGTIQRFGL
WDVTQQGKISVFVADHVLKNGPMKVGEKLEIPGVGTVEVSANKVQGYDYEADGNGIILLPERTVFTKENIGNFDF
;
_entity_poly.pdbx_strand_id   A,B
#
loop_
_chem_comp.id
_chem_comp.type
_chem_comp.name
_chem_comp.formula
PAV L-saccharide, alpha linking (2R,4S)-2-methyl-2,3,3,4-tetrahydroxytetrahydrofuran 'C5 H10 O5'
#
# COMPACT_ATOMS: atom_id res chain seq x y z
N GLU A 1 -15.67 -9.19 -27.18
CA GLU A 1 -14.92 -10.10 -26.29
C GLU A 1 -15.65 -10.29 -24.96
N ASN A 2 -15.26 -11.32 -24.23
CA ASN A 2 -15.82 -11.55 -22.91
C ASN A 2 -15.44 -10.45 -21.94
N GLN A 3 -16.36 -10.08 -21.06
CA GLN A 3 -16.09 -9.12 -20.00
C GLN A 3 -15.96 -9.86 -18.69
N ILE A 4 -14.80 -9.72 -18.04
CA ILE A 4 -14.51 -10.49 -16.84
C ILE A 4 -14.10 -9.57 -15.70
N ALA A 5 -14.81 -9.66 -14.59
CA ALA A 5 -14.47 -8.88 -13.41
C ALA A 5 -13.56 -9.69 -12.48
N PHE A 6 -12.49 -9.05 -11.99
CA PHE A 6 -11.58 -9.69 -11.05
C PHE A 6 -11.58 -8.84 -9.79
N ILE A 7 -12.13 -9.39 -8.71
CA ILE A 7 -12.45 -8.63 -7.51
C ILE A 7 -11.64 -9.12 -6.31
N PRO A 8 -10.90 -8.22 -5.67
CA PRO A 8 -10.14 -8.60 -4.46
C PRO A 8 -10.99 -8.48 -3.20
N LYS A 9 -10.48 -8.95 -2.06
CA LYS A 9 -11.10 -8.66 -0.76
C LYS A 9 -11.14 -7.16 -0.55
N LEU A 10 -10.05 -6.48 -0.93
CA LEU A 10 -10.01 -5.03 -0.88
C LEU A 10 -8.83 -4.58 -1.74
N VAL A 11 -8.86 -3.30 -2.12
CA VAL A 11 -7.80 -2.74 -2.92
C VAL A 11 -6.78 -2.05 -1.99
N GLY A 12 -5.61 -1.72 -2.53
CA GLY A 12 -4.61 -0.97 -1.77
C GLY A 12 -3.73 -1.89 -0.94
N VAL A 13 -3.76 -3.18 -1.24
CA VAL A 13 -2.89 -4.17 -0.59
C VAL A 13 -2.12 -4.89 -1.67
N GLY A 14 -0.80 -4.87 -1.57
CA GLY A 14 0.06 -5.41 -2.63
C GLY A 14 -0.35 -6.75 -3.18
N PHE A 15 -0.74 -7.68 -2.30
CA PHE A 15 -1.18 -9.01 -2.74
C PHE A 15 -2.27 -8.90 -3.80
N PHE A 16 -3.26 -8.05 -3.54
CA PHE A 16 -4.40 -7.96 -4.44
C PHE A 16 -4.07 -7.15 -5.68
N THR A 17 -3.26 -6.12 -5.53
CA THR A 17 -2.80 -5.36 -6.68
C THR A 17 -2.07 -6.24 -7.68
N SER A 18 -1.22 -7.12 -7.16
CA SER A 18 -0.40 -7.99 -7.99
C SER A 18 -1.26 -9.03 -8.68
N GLY A 19 -2.20 -9.61 -7.94
CA GLY A 19 -3.13 -10.56 -8.52
C GLY A 19 -3.93 -9.92 -9.65
N GLY A 20 -4.44 -8.71 -9.39
CA GLY A 20 -5.21 -8.00 -10.41
C GLY A 20 -4.39 -7.71 -11.65
N ALA A 21 -3.11 -7.38 -11.48
CA ALA A 21 -2.25 -7.09 -12.61
C ALA A 21 -2.08 -8.34 -13.51
N GLY A 22 -1.92 -9.50 -12.88
CA GLY A 22 -1.88 -10.76 -13.61
C GLY A 22 -3.16 -11.01 -14.36
N ALA A 23 -4.29 -10.77 -13.71
CA ALA A 23 -5.59 -10.93 -14.37
C ALA A 23 -5.75 -9.99 -15.58
N VAL A 24 -5.38 -8.73 -15.39
CA VAL A 24 -5.50 -7.76 -16.46
C VAL A 24 -4.61 -8.11 -17.65
N LYS A 25 -3.37 -8.50 -17.37
CA LYS A 25 -2.44 -8.94 -18.41
C LYS A 25 -3.01 -10.15 -19.18
N ALA A 26 -3.56 -11.11 -18.45
CA ALA A 26 -4.10 -12.31 -19.09
C ALA A 26 -5.24 -11.92 -20.01
N GLY A 27 -6.01 -10.92 -19.62
CA GLY A 27 -7.10 -10.47 -20.47
C GLY A 27 -6.56 -10.10 -21.83
N GLU A 28 -5.46 -9.36 -21.84
CA GLU A 28 -4.85 -8.92 -23.09
C GLU A 28 -4.32 -10.11 -23.87
N GLU A 29 -3.73 -11.07 -23.16
CA GLU A 29 -3.20 -12.27 -23.81
C GLU A 29 -4.32 -13.10 -24.46
N VAL A 30 -5.42 -13.27 -23.73
CA VAL A 30 -6.46 -14.22 -24.15
C VAL A 30 -7.51 -13.57 -25.03
N GLY A 31 -7.50 -12.24 -25.07
CA GLY A 31 -8.48 -11.48 -25.83
C GLY A 31 -9.80 -11.29 -25.09
N ALA A 32 -9.71 -10.83 -23.85
CA ALA A 32 -10.90 -10.55 -23.06
C ALA A 32 -10.73 -9.21 -22.36
N LYS A 33 -11.84 -8.56 -22.02
CA LYS A 33 -11.77 -7.33 -21.24
C LYS A 33 -11.83 -7.67 -19.75
N VAL A 34 -10.71 -7.48 -19.05
CA VAL A 34 -10.68 -7.76 -17.62
C VAL A 34 -10.67 -6.47 -16.80
N THR A 35 -11.62 -6.37 -15.88
CA THR A 35 -11.68 -5.23 -14.96
C THR A 35 -11.30 -5.64 -13.55
N TYR A 36 -10.23 -5.04 -13.02
CA TYR A 36 -9.84 -5.24 -11.63
C TYR A 36 -10.48 -4.12 -10.83
N ASP A 37 -11.37 -4.46 -9.91
CA ASP A 37 -12.09 -3.46 -9.13
C ASP A 37 -12.64 -4.09 -7.87
N GLY A 38 -12.75 -3.31 -6.81
CA GLY A 38 -13.23 -3.82 -5.54
C GLY A 38 -13.28 -2.73 -4.48
N PRO A 39 -13.81 -3.08 -3.30
CA PRO A 39 -14.01 -2.09 -2.22
C PRO A 39 -12.70 -1.70 -1.55
N THR A 40 -12.71 -0.57 -0.84
CA THR A 40 -11.52 -0.13 -0.12
C THR A 40 -11.49 -0.71 1.28
N GLU A 41 -12.61 -1.31 1.68
CA GLU A 41 -12.72 -2.02 2.95
C GLU A 41 -13.24 -3.44 2.69
N PRO A 42 -12.74 -4.42 3.44
CA PRO A 42 -13.06 -5.82 3.17
C PRO A 42 -14.44 -6.21 3.72
N SER A 43 -15.49 -5.58 3.21
CA SER A 43 -16.83 -5.81 3.74
C SER A 43 -17.68 -6.65 2.81
N VAL A 44 -18.57 -7.44 3.41
CA VAL A 44 -19.55 -8.18 2.63
C VAL A 44 -20.36 -7.18 1.79
N SER A 45 -20.83 -6.12 2.43
CA SER A 45 -21.63 -5.13 1.72
C SER A 45 -20.89 -4.58 0.49
N GLY A 46 -19.63 -4.19 0.68
CA GLY A 46 -18.83 -3.67 -0.42
C GLY A 46 -18.69 -4.66 -1.56
N GLN A 47 -18.34 -5.90 -1.24
CA GLN A 47 -18.21 -6.90 -2.31
C GLN A 47 -19.53 -7.15 -3.04
N VAL A 48 -20.64 -7.20 -2.28
CA VAL A 48 -21.95 -7.42 -2.88
C VAL A 48 -22.32 -6.30 -3.87
N GLN A 49 -21.95 -5.07 -3.53
CA GLN A 49 -22.25 -3.90 -4.36
C GLN A 49 -21.47 -3.96 -5.67
N PHE A 50 -20.19 -4.32 -5.59
CA PHE A 50 -19.40 -4.54 -6.81
C PHE A 50 -19.92 -5.71 -7.65
N ILE A 51 -20.25 -6.81 -7.00
CA ILE A 51 -20.85 -7.95 -7.69
C ILE A 51 -22.10 -7.50 -8.44
N ASN A 52 -22.99 -6.78 -7.75
CA ASN A 52 -24.25 -6.36 -8.34
C ASN A 52 -24.00 -5.43 -9.54
N ASN A 53 -23.01 -4.55 -9.40
CA ASN A 53 -22.69 -3.61 -10.47
C ASN A 53 -22.24 -4.31 -11.74
N PHE A 54 -21.34 -5.29 -11.60
CA PHE A 54 -20.85 -5.98 -12.79
C PHE A 54 -21.93 -6.84 -13.42
N VAL A 55 -22.77 -7.44 -12.60
CA VAL A 55 -23.89 -8.23 -13.11
C VAL A 55 -24.85 -7.30 -13.87
N ASN A 56 -25.17 -6.16 -13.27
CA ASN A 56 -26.06 -5.20 -13.92
C ASN A 56 -25.49 -4.64 -15.22
N GLN A 57 -24.16 -4.64 -15.35
CA GLN A 57 -23.51 -4.22 -16.60
C GLN A 57 -23.48 -5.36 -17.63
N GLY A 58 -23.99 -6.52 -17.26
CA GLY A 58 -24.00 -7.65 -18.19
C GLY A 58 -22.63 -8.27 -18.42
N TYR A 59 -21.75 -8.19 -17.42
CA TYR A 59 -20.47 -8.90 -17.49
C TYR A 59 -20.68 -10.41 -17.69
N ASN A 60 -19.72 -11.08 -18.31
CA ASN A 60 -19.86 -12.52 -18.59
C ASN A 60 -19.36 -13.39 -17.46
N ALA A 61 -18.44 -12.86 -16.67
CA ALA A 61 -17.87 -13.67 -15.58
C ALA A 61 -17.33 -12.78 -14.48
N LEU A 62 -17.30 -13.30 -13.27
CA LEU A 62 -16.63 -12.62 -12.20
C LEU A 62 -15.85 -13.60 -11.36
N ILE A 63 -14.72 -13.13 -10.85
CA ILE A 63 -13.81 -13.99 -10.13
C ILE A 63 -13.48 -13.21 -8.89
N VAL A 64 -13.89 -13.72 -7.73
CA VAL A 64 -13.81 -12.93 -6.51
C VAL A 64 -13.06 -13.66 -5.39
N SER A 65 -12.26 -12.91 -4.63
CA SER A 65 -11.69 -13.41 -3.39
C SER A 65 -12.61 -12.92 -2.29
N SER A 66 -13.33 -13.85 -1.66
CA SER A 66 -14.42 -13.51 -0.76
C SER A 66 -13.99 -13.20 0.66
N VAL A 67 -14.62 -12.19 1.26
CA VAL A 67 -14.42 -11.94 2.68
C VAL A 67 -15.32 -12.78 3.57
N SER A 68 -16.16 -13.63 2.97
CA SER A 68 -17.14 -14.42 3.71
C SER A 68 -17.53 -15.73 3.01
N PRO A 69 -17.67 -16.82 3.76
CA PRO A 69 -18.13 -18.09 3.19
C PRO A 69 -19.53 -17.97 2.59
N ASP A 70 -20.43 -17.25 3.24
CA ASP A 70 -21.83 -17.26 2.79
C ASP A 70 -22.44 -15.88 2.51
N GLY A 71 -21.78 -14.83 2.98
CA GLY A 71 -22.35 -13.50 2.84
C GLY A 71 -22.61 -13.06 1.40
N LEU A 72 -21.84 -13.60 0.47
CA LEU A 72 -21.99 -13.24 -0.95
C LEU A 72 -22.95 -14.16 -1.70
N CYS A 73 -23.41 -15.22 -1.04
CA CYS A 73 -24.17 -16.24 -1.76
C CYS A 73 -25.39 -15.70 -2.52
N PRO A 74 -26.24 -14.91 -1.86
CA PRO A 74 -27.41 -14.42 -2.61
C PRO A 74 -27.02 -13.65 -3.86
N ALA A 75 -26.03 -12.77 -3.75
CA ALA A 75 -25.62 -11.95 -4.88
C ALA A 75 -25.01 -12.81 -5.99
N LEU A 76 -24.22 -13.80 -5.58
CA LEU A 76 -23.56 -14.67 -6.55
C LEU A 76 -24.55 -15.61 -7.21
N LYS A 77 -25.54 -16.08 -6.45
CA LYS A 77 -26.59 -16.91 -7.03
C LYS A 77 -27.45 -16.12 -8.01
N ARG A 78 -27.63 -14.83 -7.75
CA ARG A 78 -28.34 -13.97 -8.69
C ARG A 78 -27.52 -13.86 -9.98
N ALA A 79 -26.21 -13.72 -9.80
CA ALA A 79 -25.29 -13.69 -10.93
C ALA A 79 -25.40 -14.96 -11.76
N MET A 80 -25.34 -16.12 -11.10
CA MET A 80 -25.34 -17.37 -11.85
C MET A 80 -26.68 -17.63 -12.57
N GLU A 81 -27.78 -17.21 -11.96
CA GLU A 81 -29.10 -17.43 -12.58
C GLU A 81 -29.29 -16.53 -13.81
N ARG A 82 -28.46 -15.50 -13.94
CA ARG A 82 -28.48 -14.65 -15.14
C ARG A 82 -27.41 -15.08 -16.15
N GLY A 83 -26.81 -16.25 -15.92
CA GLY A 83 -25.87 -16.80 -16.85
C GLY A 83 -24.46 -16.24 -16.71
N VAL A 84 -24.21 -15.51 -15.63
CA VAL A 84 -22.86 -15.01 -15.36
C VAL A 84 -22.03 -16.15 -14.75
N LEU A 85 -20.85 -16.38 -15.30
CA LEU A 85 -19.96 -17.39 -14.73
C LEU A 85 -19.38 -16.84 -13.42
N VAL A 86 -19.53 -17.57 -12.32
CA VAL A 86 -19.00 -17.12 -11.04
C VAL A 86 -17.87 -18.02 -10.57
N MET A 87 -16.72 -17.43 -10.29
CA MET A 87 -15.57 -18.16 -9.80
C MET A 87 -15.02 -17.43 -8.58
N THR A 88 -14.24 -18.15 -7.79
CA THR A 88 -13.50 -17.53 -6.70
C THR A 88 -12.00 -17.72 -6.90
N TRP A 89 -11.21 -16.90 -6.22
CA TRP A 89 -9.77 -17.05 -6.23
C TRP A 89 -9.32 -16.65 -4.83
N ASP A 90 -8.25 -17.27 -4.33
CA ASP A 90 -7.65 -16.91 -3.05
C ASP A 90 -8.52 -17.39 -1.88
N SER A 91 -9.62 -16.68 -1.63
CA SER A 91 -10.57 -17.04 -0.59
C SER A 91 -11.92 -17.44 -1.19
N ASP A 92 -12.38 -18.63 -0.83
CA ASP A 92 -13.54 -19.27 -1.48
C ASP A 92 -14.88 -18.80 -0.87
N VAL A 93 -15.98 -19.19 -1.51
CA VAL A 93 -17.30 -19.08 -0.91
C VAL A 93 -17.84 -20.51 -0.83
N ASN A 94 -18.97 -20.71 -0.17
CA ASN A 94 -19.58 -22.03 -0.17
C ASN A 94 -19.65 -22.53 -1.62
N PRO A 95 -19.28 -23.80 -1.85
CA PRO A 95 -19.13 -24.31 -3.21
C PRO A 95 -20.41 -24.22 -4.07
N ASP A 96 -21.58 -24.24 -3.44
CA ASP A 96 -22.83 -24.10 -4.20
C ASP A 96 -23.06 -22.65 -4.63
N CYS A 97 -22.10 -21.78 -4.29
CA CYS A 97 -22.24 -20.36 -4.60
C CYS A 97 -21.26 -19.88 -5.69
N ARG A 98 -20.47 -20.82 -6.22
CA ARG A 98 -19.58 -20.53 -7.34
C ARG A 98 -19.39 -21.77 -8.21
N SER A 99 -18.55 -21.66 -9.24
CA SER A 99 -18.24 -22.82 -10.07
C SER A 99 -16.90 -23.38 -9.68
N TYR A 100 -15.84 -22.58 -9.91
CA TYR A 100 -14.48 -23.00 -9.64
C TYR A 100 -13.81 -22.03 -8.67
N TYR A 101 -12.94 -22.61 -7.86
CA TYR A 101 -12.11 -21.89 -6.90
C TYR A 101 -10.64 -22.08 -7.35
N ILE A 102 -10.01 -20.98 -7.78
CA ILE A 102 -8.60 -20.99 -8.14
C ILE A 102 -7.79 -20.87 -6.85
N ASN A 103 -7.16 -21.96 -6.43
CA ASN A 103 -6.78 -22.13 -5.02
C ASN A 103 -5.28 -22.38 -4.84
N GLN A 104 -4.62 -21.54 -4.06
CA GLN A 104 -3.18 -21.65 -3.86
C GLN A 104 -2.75 -22.93 -3.14
N GLY A 105 -3.68 -23.57 -2.43
CA GLY A 105 -3.34 -24.80 -1.72
C GLY A 105 -4.42 -25.35 -0.80
N THR A 106 -4.26 -26.59 -0.37
CA THR A 106 -5.23 -27.16 0.57
C THR A 106 -4.98 -26.58 1.95
N PRO A 107 -5.98 -26.63 2.85
CA PRO A 107 -5.78 -26.11 4.19
C PRO A 107 -4.64 -26.84 4.88
N GLU A 108 -4.46 -28.10 4.57
CA GLU A 108 -3.39 -28.87 5.20
C GLU A 108 -2.01 -28.42 4.70
N GLN A 109 -1.88 -28.18 3.40
CA GLN A 109 -0.62 -27.73 2.84
C GLN A 109 -0.25 -26.38 3.41
N LEU A 110 -1.23 -25.49 3.46
CA LEU A 110 -0.96 -24.12 3.89
C LEU A 110 -0.81 -24.04 5.41
N GLY A 111 -1.69 -24.71 6.14
CA GLY A 111 -1.55 -24.78 7.58
C GLY A 111 -0.23 -25.42 7.94
N GLY A 112 0.15 -26.45 7.18
CA GLY A 112 1.41 -27.14 7.43
C GLY A 112 2.63 -26.28 7.15
N LEU A 113 2.53 -25.47 6.11
CA LEU A 113 3.60 -24.52 5.78
C LEU A 113 3.81 -23.51 6.90
N LEU A 114 2.73 -22.94 7.42
CA LEU A 114 2.81 -21.99 8.53
C LEU A 114 3.51 -22.62 9.74
N VAL A 115 3.09 -23.81 10.10
CA VAL A 115 3.64 -24.48 11.27
C VAL A 115 5.13 -24.78 11.08
N ASP A 116 5.48 -25.33 9.92
CA ASP A 116 6.85 -25.70 9.62
C ASP A 116 7.76 -24.47 9.65
N MET A 117 7.31 -23.39 9.04
CA MET A 117 8.08 -22.14 9.10
C MET A 117 8.27 -21.68 10.54
N ALA A 118 7.24 -21.79 11.37
CA ALA A 118 7.36 -21.37 12.76
C ALA A 118 8.33 -22.28 13.50
N ALA A 119 8.17 -23.58 13.26
CA ALA A 119 9.01 -24.60 13.91
C ALA A 119 10.50 -24.39 13.64
N GLU A 120 10.82 -23.86 12.46
CA GLU A 120 12.21 -23.61 12.08
C GLU A 120 12.90 -22.65 13.03
N GLY A 121 12.13 -21.72 13.58
CA GLY A 121 12.69 -20.70 14.46
C GLY A 121 12.50 -20.98 15.93
N VAL A 122 11.47 -21.77 16.26
CA VAL A 122 11.18 -22.00 17.66
C VAL A 122 12.20 -22.95 18.29
N LYS A 123 12.47 -24.08 17.65
CA LYS A 123 13.52 -24.97 18.12
C LYS A 123 13.48 -25.14 19.64
N LYS A 124 12.27 -25.22 20.17
CA LYS A 124 12.04 -25.37 21.60
C LYS A 124 10.81 -26.25 21.73
N GLU A 125 10.80 -27.15 22.70
CA GLU A 125 9.70 -28.09 22.85
C GLU A 125 8.47 -27.44 23.46
N LYS A 126 8.69 -26.63 24.50
CA LYS A 126 7.60 -25.91 25.15
C LYS A 126 7.71 -24.46 24.73
N ALA A 127 6.63 -23.95 24.15
CA ALA A 127 6.66 -22.62 23.57
C ALA A 127 5.28 -22.00 23.65
N LYS A 128 5.22 -20.68 23.53
CA LYS A 128 3.94 -19.99 23.51
C LYS A 128 3.82 -19.32 22.15
N VAL A 129 2.69 -19.54 21.50
CA VAL A 129 2.47 -19.09 20.13
C VAL A 129 1.18 -18.30 20.01
N ALA A 130 1.23 -17.21 19.23
CA ALA A 130 0.03 -16.45 18.90
C ALA A 130 -0.35 -16.57 17.40
N PHE A 131 -1.65 -16.62 17.12
CA PHE A 131 -2.15 -16.52 15.75
C PHE A 131 -2.68 -15.12 15.56
N PHE A 132 -2.46 -14.58 14.36
CA PHE A 132 -2.76 -13.19 14.08
C PHE A 132 -3.07 -13.07 12.60
N TYR A 133 -4.34 -12.82 12.28
CA TYR A 133 -4.73 -12.67 10.89
C TYR A 133 -5.86 -11.66 10.72
N SER A 134 -6.55 -11.68 9.59
CA SER A 134 -7.47 -10.58 9.28
C SER A 134 -8.75 -10.59 10.13
N SER A 135 -9.57 -11.62 9.99
CA SER A 135 -10.87 -11.64 10.65
C SER A 135 -11.32 -13.06 10.96
N PRO A 136 -12.24 -13.22 11.92
CA PRO A 136 -12.74 -14.55 12.31
C PRO A 136 -13.75 -15.11 11.32
N THR A 137 -14.11 -14.35 10.29
CA THR A 137 -15.13 -14.82 9.36
C THR A 137 -14.58 -15.24 7.99
N VAL A 138 -13.44 -14.68 7.59
CA VAL A 138 -12.94 -14.89 6.23
C VAL A 138 -12.63 -16.35 5.96
N THR A 139 -13.02 -16.81 4.77
CA THR A 139 -12.95 -18.23 4.46
C THR A 139 -11.55 -18.81 4.49
N ASP A 140 -10.62 -18.20 3.74
CA ASP A 140 -9.32 -18.82 3.56
C ASP A 140 -8.52 -18.92 4.85
N GLN A 141 -8.32 -17.79 5.50
CA GLN A 141 -7.39 -17.78 6.63
C GLN A 141 -7.86 -18.62 7.81
N ASN A 142 -9.17 -18.63 8.06
CA ASN A 142 -9.70 -19.46 9.13
C ASN A 142 -9.57 -20.95 8.84
N ALA A 143 -9.75 -21.33 7.58
CA ALA A 143 -9.50 -22.71 7.18
C ALA A 143 -8.04 -23.08 7.47
N TRP A 144 -7.12 -22.22 7.06
CA TRP A 144 -5.69 -22.51 7.26
C TRP A 144 -5.29 -22.52 8.72
N ALA A 145 -5.83 -21.56 9.48
CA ALA A 145 -5.52 -21.47 10.90
C ALA A 145 -6.03 -22.70 11.63
N GLU A 146 -7.24 -23.15 11.29
CA GLU A 146 -7.76 -24.35 11.94
C GLU A 146 -6.86 -25.54 11.65
N ALA A 147 -6.41 -25.67 10.40
CA ALA A 147 -5.55 -26.80 10.02
C ALA A 147 -4.20 -26.70 10.72
N ALA A 148 -3.67 -25.48 10.82
CA ALA A 148 -2.41 -25.26 11.53
C ALA A 148 -2.52 -25.61 13.01
N LYS A 149 -3.60 -25.21 13.65
CA LYS A 149 -3.79 -25.50 15.06
C LYS A 149 -3.87 -27.00 15.30
N ALA A 150 -4.51 -27.71 14.37
CA ALA A 150 -4.63 -29.15 14.49
C ALA A 150 -3.25 -29.81 14.42
N LYS A 151 -2.41 -29.31 13.52
CA LYS A 151 -1.07 -29.86 13.36
C LYS A 151 -0.22 -29.57 14.60
N ILE A 152 -0.33 -28.35 15.13
CA ILE A 152 0.39 -27.98 16.35
C ILE A 152 0.01 -28.90 17.51
N ALA A 153 -1.27 -29.19 17.66
CA ALA A 153 -1.72 -30.03 18.77
C ALA A 153 -1.10 -31.42 18.64
N LYS A 154 -0.86 -31.84 17.41
CA LYS A 154 -0.35 -33.19 17.14
C LYS A 154 1.18 -33.27 17.05
N GLU A 155 1.80 -32.33 16.34
CA GLU A 155 3.25 -32.33 16.13
C GLU A 155 4.02 -31.67 17.27
N HIS A 156 3.43 -30.67 17.90
CA HIS A 156 4.13 -29.88 18.91
C HIS A 156 3.27 -29.75 20.15
N PRO A 157 3.08 -30.88 20.88
CA PRO A 157 2.14 -30.88 22.01
C PRO A 157 2.56 -29.94 23.14
N GLY A 158 3.83 -29.53 23.13
CA GLY A 158 4.35 -28.62 24.13
C GLY A 158 4.10 -27.14 23.83
N TRP A 159 3.65 -26.84 22.61
CA TRP A 159 3.31 -25.47 22.26
C TRP A 159 1.97 -25.11 22.89
N GLU A 160 1.89 -23.90 23.44
CA GLU A 160 0.64 -23.37 23.95
C GLU A 160 0.21 -22.22 23.04
N ILE A 161 -0.94 -22.37 22.40
CA ILE A 161 -1.52 -21.25 21.63
C ILE A 161 -2.18 -20.31 22.62
N VAL A 162 -1.53 -19.18 22.88
CA VAL A 162 -1.95 -18.31 23.98
C VAL A 162 -3.01 -17.31 23.54
N THR A 163 -3.10 -17.05 22.24
CA THR A 163 -4.07 -16.09 21.73
C THR A 163 -4.27 -16.19 20.22
N THR A 164 -5.46 -15.80 19.77
CA THR A 164 -5.73 -15.58 18.36
C THR A 164 -6.39 -14.21 18.24
N GLN A 165 -5.78 -13.29 17.50
CA GLN A 165 -6.33 -11.94 17.37
C GLN A 165 -6.33 -11.45 15.93
N TYR A 166 -6.98 -10.32 15.70
CA TYR A 166 -7.31 -9.90 14.35
C TYR A 166 -6.94 -8.46 13.97
N GLY A 167 -6.56 -8.27 12.71
CA GLY A 167 -6.12 -6.98 12.19
C GLY A 167 -7.00 -6.38 11.10
N TYR A 168 -7.95 -7.18 10.62
CA TYR A 168 -8.97 -6.73 9.68
C TYR A 168 -8.50 -6.09 8.36
N ASN A 169 -7.38 -6.59 7.83
CA ASN A 169 -6.82 -6.13 6.55
C ASN A 169 -6.50 -4.65 6.62
N ASP A 170 -6.18 -4.17 7.82
CA ASP A 170 -6.00 -2.75 8.07
C ASP A 170 -4.67 -2.51 8.77
N ALA A 171 -3.87 -1.60 8.23
CA ALA A 171 -2.53 -1.37 8.75
C ALA A 171 -2.56 -0.88 10.19
N GLN A 172 -3.43 0.08 10.49
CA GLN A 172 -3.51 0.62 11.83
C GLN A 172 -4.03 -0.39 12.87
N LYS A 173 -5.13 -1.05 12.54
CA LYS A 173 -5.69 -2.06 13.45
C LYS A 173 -4.68 -3.17 13.66
N SER A 174 -3.99 -3.57 12.59
CA SER A 174 -3.04 -4.68 12.68
C SER A 174 -1.86 -4.27 13.55
N LEU A 175 -1.43 -3.02 13.39
CA LEU A 175 -0.33 -2.50 14.18
C LEU A 175 -0.67 -2.51 15.68
N GLN A 176 -1.87 -2.07 16.02
CA GLN A 176 -2.32 -2.07 17.42
C GLN A 176 -2.47 -3.48 17.98
N THR A 177 -2.99 -4.39 17.17
CA THR A 177 -3.11 -5.77 17.59
C THR A 177 -1.75 -6.39 17.85
N ALA A 178 -0.81 -6.18 16.93
CA ALA A 178 0.53 -6.73 17.10
C ALA A 178 1.20 -6.17 18.36
N GLU A 179 1.09 -4.87 18.58
CA GLU A 179 1.72 -4.29 19.79
C GLU A 179 1.05 -4.82 21.05
N SER A 180 -0.27 -4.96 21.01
CA SER A 180 -1.00 -5.57 22.12
C SER A 180 -0.57 -7.02 22.40
N ILE A 181 -0.43 -7.83 21.36
CA ILE A 181 0.03 -9.21 21.54
C ILE A 181 1.38 -9.26 22.26
N LEU A 182 2.33 -8.46 21.78
CA LEU A 182 3.67 -8.46 22.32
C LEU A 182 3.72 -7.98 23.78
N GLN A 183 2.98 -6.91 24.08
CA GLN A 183 2.96 -6.39 25.44
C GLN A 183 2.23 -7.31 26.44
N THR A 184 1.25 -8.06 25.96
CA THR A 184 0.50 -8.97 26.83
C THR A 184 1.30 -10.23 27.14
N TYR A 185 2.14 -10.64 26.19
CA TYR A 185 2.88 -11.90 26.29
C TYR A 185 4.40 -11.64 26.24
N PRO A 186 4.98 -11.25 27.39
CA PRO A 186 6.40 -10.90 27.42
C PRO A 186 7.30 -12.08 27.10
N ASP A 187 6.76 -13.29 27.20
CA ASP A 187 7.56 -14.49 26.96
C ASP A 187 7.07 -15.24 25.71
N LEU A 188 6.41 -14.51 24.83
CA LEU A 188 5.94 -15.08 23.57
C LEU A 188 7.10 -15.62 22.74
N ASP A 189 6.92 -16.79 22.13
CA ASP A 189 7.98 -17.36 21.30
C ASP A 189 7.71 -17.24 19.80
N ALA A 190 6.44 -17.16 19.42
CA ALA A 190 6.13 -17.08 17.99
C ALA A 190 4.79 -16.43 17.67
N ILE A 191 4.76 -15.83 16.47
CA ILE A 191 3.53 -15.30 15.89
C ILE A 191 3.38 -15.90 14.50
N ILE A 192 2.24 -16.53 14.28
CA ILE A 192 1.91 -17.11 12.98
C ILE A 192 0.82 -16.21 12.39
N ALA A 193 1.17 -15.52 11.29
CA ALA A 193 0.33 -14.44 10.78
C ALA A 193 -0.04 -14.65 9.31
N PRO A 194 -1.05 -15.50 9.06
CA PRO A 194 -1.40 -15.83 7.68
C PRO A 194 -2.29 -14.76 7.01
N ASP A 195 -1.77 -13.55 6.90
CA ASP A 195 -2.49 -12.44 6.31
C ASP A 195 -1.54 -11.34 5.86
N ALA A 196 -1.80 -10.79 4.68
CA ALA A 196 -0.86 -9.90 4.01
C ALA A 196 -0.56 -8.63 4.79
N ASN A 197 -1.50 -8.21 5.62
CA ASN A 197 -1.32 -7.01 6.45
C ASN A 197 -0.85 -7.34 7.84
N ALA A 198 -1.31 -8.48 8.35
CA ALA A 198 -0.96 -8.86 9.71
C ALA A 198 0.52 -9.16 9.85
N LEU A 199 1.09 -9.84 8.86
CA LEU A 199 2.49 -10.25 8.94
C LEU A 199 3.45 -9.05 9.04
N PRO A 200 3.32 -8.07 8.12
CA PRO A 200 4.25 -6.94 8.26
C PRO A 200 3.97 -6.13 9.52
N ALA A 201 2.73 -6.12 10.00
CA ALA A 201 2.44 -5.39 11.22
C ALA A 201 3.14 -6.04 12.42
N ALA A 202 3.15 -7.37 12.44
CA ALA A 202 3.83 -8.11 13.51
C ALA A 202 5.34 -7.82 13.51
N ALA A 203 5.95 -7.91 12.32
CA ALA A 203 7.36 -7.57 12.13
C ALA A 203 7.68 -6.17 12.64
N GLN A 204 6.84 -5.21 12.26
CA GLN A 204 7.06 -3.80 12.60
C GLN A 204 6.98 -3.58 14.11
N ALA A 205 5.95 -4.14 14.73
CA ALA A 205 5.77 -4.00 16.16
C ALA A 205 6.96 -4.61 16.90
N ALA A 206 7.42 -5.75 16.40
CA ALA A 206 8.57 -6.43 17.01
C ALA A 206 9.81 -5.54 16.96
N GLU A 207 9.99 -4.85 15.83
CA GLU A 207 11.07 -3.87 15.73
C GLU A 207 10.84 -2.71 16.69
N ASN A 208 9.63 -2.16 16.69
CA ASN A 208 9.27 -1.06 17.59
C ASN A 208 9.63 -1.37 19.05
N LEU A 209 9.37 -2.60 19.46
CA LEU A 209 9.49 -2.98 20.87
C LEU A 209 10.75 -3.78 21.20
N LYS A 210 11.64 -3.91 20.22
CA LYS A 210 12.87 -4.71 20.36
C LYS A 210 12.57 -6.14 20.83
N ARG A 211 11.61 -6.77 20.16
CA ARG A 211 11.18 -8.11 20.54
C ARG A 211 11.52 -9.14 19.47
N ALA A 212 12.21 -8.70 18.43
CA ALA A 212 12.44 -9.57 17.27
C ALA A 212 13.42 -10.72 17.51
N GLU A 213 14.30 -10.59 18.52
CA GLU A 213 15.24 -11.67 18.81
C GLU A 213 14.58 -12.85 19.52
N GLY A 214 13.43 -12.60 20.15
CA GLY A 214 12.80 -13.63 20.96
C GLY A 214 11.54 -14.20 20.34
N VAL A 215 10.92 -13.47 19.41
CA VAL A 215 9.70 -13.98 18.80
C VAL A 215 9.95 -14.38 17.36
N THR A 216 9.68 -15.64 17.04
CA THR A 216 9.76 -16.10 15.66
C THR A 216 8.48 -15.67 14.95
N ILE A 217 8.62 -14.88 13.87
CA ILE A 217 7.46 -14.33 13.20
C ILE A 217 7.37 -14.88 11.77
N VAL A 218 6.28 -15.58 11.49
CA VAL A 218 6.07 -16.13 10.16
C VAL A 218 4.66 -15.87 9.68
N GLY A 219 4.43 -16.01 8.38
CA GLY A 219 3.10 -15.83 7.82
C GLY A 219 3.07 -15.75 6.30
N PHE A 220 2.03 -15.13 5.76
CA PHE A 220 1.88 -14.98 4.32
C PHE A 220 1.71 -13.51 3.98
N SER A 221 2.61 -13.01 3.13
CA SER A 221 2.49 -11.67 2.58
C SER A 221 3.31 -11.59 1.30
N THR A 222 3.42 -10.41 0.68
CA THR A 222 4.15 -10.30 -0.58
C THR A 222 5.61 -9.88 -0.36
N PRO A 223 6.50 -10.25 -1.29
CA PRO A 223 7.91 -9.86 -1.21
C PRO A 223 8.14 -8.34 -1.09
N ASN A 224 7.48 -7.54 -1.91
CA ASN A 224 7.72 -6.09 -1.88
C ASN A 224 7.35 -5.43 -0.55
N VAL A 225 6.34 -5.96 0.12
CA VAL A 225 5.98 -5.52 1.47
C VAL A 225 6.94 -6.03 2.56
N MET A 226 7.39 -7.27 2.44
CA MET A 226 8.19 -7.89 3.50
C MET A 226 9.70 -7.64 3.40
N ARG A 227 10.14 -7.15 2.26
CA ARG A 227 11.57 -7.00 1.97
C ARG A 227 12.38 -6.37 3.11
N PRO A 228 11.93 -5.21 3.64
CA PRO A 228 12.71 -4.53 4.67
C PRO A 228 12.94 -5.43 5.88
N TYR A 229 11.93 -6.20 6.26
CA TYR A 229 11.98 -7.03 7.46
C TYR A 229 12.90 -8.23 7.27
N ILE A 230 12.91 -8.78 6.06
CA ILE A 230 13.82 -9.86 5.70
C ILE A 230 15.26 -9.35 5.62
N GLU A 231 15.45 -8.19 4.99
CA GLU A 231 16.79 -7.65 4.80
C GLU A 231 17.44 -7.27 6.13
N ARG A 232 16.65 -6.78 7.07
CA ARG A 232 17.15 -6.43 8.40
C ARG A 232 17.36 -7.65 9.29
N GLY A 233 16.69 -8.76 8.97
CA GLY A 233 16.79 -9.96 9.78
C GLY A 233 15.71 -10.02 10.85
N THR A 234 14.77 -9.08 10.80
CA THR A 234 13.69 -9.06 11.78
C THR A 234 12.90 -10.37 11.75
N ILE A 235 12.61 -10.86 10.55
CA ILE A 235 12.08 -12.21 10.40
C ILE A 235 12.99 -13.00 9.45
N GLN A 236 12.94 -14.32 9.57
CA GLN A 236 13.80 -15.17 8.75
C GLN A 236 13.11 -15.65 7.49
N ARG A 237 11.82 -15.89 7.57
CA ARG A 237 11.11 -16.51 6.46
C ARG A 237 9.61 -16.23 6.48
N PHE A 238 9.00 -16.29 5.31
CA PHE A 238 7.54 -16.29 5.20
C PHE A 238 7.17 -16.99 3.91
N GLY A 239 5.88 -17.20 3.71
CA GLY A 239 5.45 -17.94 2.53
C GLY A 239 4.49 -17.17 1.65
N LEU A 240 4.37 -17.59 0.41
CA LEU A 240 3.25 -17.21 -0.44
C LEU A 240 3.25 -18.14 -1.64
N TRP A 241 2.96 -17.59 -2.82
CA TRP A 241 2.80 -18.37 -4.04
C TRP A 241 2.75 -17.37 -5.17
N ASP A 242 2.66 -17.83 -6.41
CA ASP A 242 2.71 -16.93 -7.55
C ASP A 242 1.34 -16.29 -7.77
N VAL A 243 1.07 -15.21 -7.06
CA VAL A 243 -0.27 -14.60 -7.09
C VAL A 243 -0.54 -13.91 -8.43
N THR A 244 0.50 -13.40 -9.08
CA THR A 244 0.36 -12.85 -10.41
C THR A 244 -0.18 -13.93 -11.36
N GLN A 245 0.47 -15.08 -11.33
CA GLN A 245 0.05 -16.21 -12.14
C GLN A 245 -1.34 -16.70 -11.74
N GLN A 246 -1.65 -16.61 -10.45
CA GLN A 246 -2.96 -17.00 -9.98
C GLN A 246 -4.02 -16.17 -10.68
N GLY A 247 -3.77 -14.88 -10.81
CA GLY A 247 -4.69 -14.00 -11.52
C GLY A 247 -4.81 -14.38 -12.99
N LYS A 248 -3.67 -14.70 -13.62
CA LYS A 248 -3.66 -15.13 -15.01
C LYS A 248 -4.49 -16.40 -15.19
N ILE A 249 -4.22 -17.39 -14.35
CA ILE A 249 -4.96 -18.65 -14.40
C ILE A 249 -6.47 -18.43 -14.28
N SER A 250 -6.87 -17.51 -13.40
CA SER A 250 -8.28 -17.24 -13.19
C SER A 250 -8.93 -16.78 -14.49
N VAL A 251 -8.28 -15.84 -15.17
CA VAL A 251 -8.82 -15.26 -16.40
C VAL A 251 -8.84 -16.28 -17.54
N PHE A 252 -7.76 -17.03 -17.72
CA PHE A 252 -7.73 -18.07 -18.74
C PHE A 252 -8.79 -19.14 -18.52
N VAL A 253 -8.96 -19.56 -17.27
CA VAL A 253 -10.00 -20.55 -16.97
C VAL A 253 -11.38 -19.97 -17.28
N ALA A 254 -11.63 -18.76 -16.81
CA ALA A 254 -12.90 -18.10 -17.07
C ALA A 254 -13.20 -18.01 -18.57
N ASP A 255 -12.21 -17.57 -19.33
CA ASP A 255 -12.41 -17.38 -20.77
C ASP A 255 -12.64 -18.72 -21.47
N HIS A 256 -11.91 -19.74 -21.06
CA HIS A 256 -12.09 -21.08 -21.61
C HIS A 256 -13.52 -21.58 -21.37
N VAL A 257 -14.00 -21.42 -20.14
CA VAL A 257 -15.32 -21.92 -19.80
C VAL A 257 -16.41 -21.16 -20.56
N LEU A 258 -16.21 -19.86 -20.70
CA LEU A 258 -17.17 -19.06 -21.45
C LEU A 258 -17.24 -19.51 -22.91
N LYS A 259 -16.08 -19.85 -23.49
CA LYS A 259 -16.02 -20.20 -24.90
C LYS A 259 -16.36 -21.66 -25.19
N ASN A 260 -16.11 -22.53 -24.21
CA ASN A 260 -16.13 -23.97 -24.48
C ASN A 260 -17.00 -24.78 -23.55
N GLY A 261 -17.63 -24.12 -22.59
CA GLY A 261 -18.51 -24.81 -21.66
C GLY A 261 -17.78 -25.22 -20.40
N PRO A 262 -18.55 -25.66 -19.39
CA PRO A 262 -18.06 -26.05 -18.07
C PRO A 262 -17.00 -27.13 -18.14
N MET A 263 -15.98 -27.03 -17.28
CA MET A 263 -15.03 -28.10 -17.10
C MET A 263 -15.58 -29.05 -16.05
N LYS A 264 -15.20 -30.33 -16.13
CA LYS A 264 -15.67 -31.34 -15.21
C LYS A 264 -14.51 -31.71 -14.29
N VAL A 265 -14.81 -32.36 -13.17
CA VAL A 265 -13.74 -32.81 -12.28
C VAL A 265 -12.86 -33.81 -13.06
N GLY A 266 -11.54 -33.65 -12.96
CA GLY A 266 -10.61 -34.47 -13.72
C GLY A 266 -10.11 -33.81 -14.99
N GLU A 267 -10.83 -32.81 -15.47
CA GLU A 267 -10.50 -32.19 -16.74
C GLU A 267 -9.34 -31.23 -16.61
N LYS A 268 -8.61 -31.08 -17.71
CA LYS A 268 -7.41 -30.27 -17.72
C LYS A 268 -7.48 -29.16 -18.74
N LEU A 269 -6.74 -28.09 -18.48
CA LEU A 269 -6.72 -26.96 -19.39
C LEU A 269 -5.26 -26.58 -19.57
N GLU A 270 -4.83 -26.46 -20.82
CA GLU A 270 -3.47 -26.01 -21.10
C GLU A 270 -3.46 -24.49 -21.18
N ILE A 271 -2.56 -23.85 -20.44
CA ILE A 271 -2.49 -22.39 -20.41
C ILE A 271 -1.10 -21.91 -20.81
N PRO A 272 -1.00 -21.17 -21.93
CA PRO A 272 0.27 -20.71 -22.51
C PRO A 272 1.03 -19.90 -21.48
N GLY A 273 2.31 -20.23 -21.28
CA GLY A 273 3.12 -19.52 -20.30
C GLY A 273 2.90 -19.96 -18.87
N VAL A 274 1.99 -20.93 -18.68
CA VAL A 274 1.71 -21.44 -17.35
C VAL A 274 1.96 -22.94 -17.24
N GLY A 275 1.29 -23.71 -18.08
CA GLY A 275 1.36 -25.15 -18.00
C GLY A 275 -0.03 -25.72 -18.07
N THR A 276 -0.24 -26.85 -17.40
CA THR A 276 -1.57 -27.45 -17.38
C THR A 276 -2.18 -27.36 -15.98
N VAL A 277 -3.42 -26.90 -15.90
CA VAL A 277 -4.16 -26.92 -14.64
C VAL A 277 -5.27 -27.97 -14.75
N GLU A 278 -5.75 -28.45 -13.61
CA GLU A 278 -6.75 -29.52 -13.60
C GLU A 278 -7.84 -29.23 -12.57
N VAL A 279 -9.07 -29.68 -12.84
CA VAL A 279 -10.15 -29.46 -11.90
C VAL A 279 -10.17 -30.57 -10.86
N SER A 280 -9.98 -30.21 -9.59
CA SER A 280 -10.07 -31.20 -8.50
C SER A 280 -11.47 -31.18 -7.85
N ALA A 281 -11.83 -32.27 -7.18
CA ALA A 281 -13.09 -32.33 -6.45
C ALA A 281 -13.07 -31.34 -5.28
N ASN A 282 -14.23 -30.84 -4.89
CA ASN A 282 -14.29 -29.98 -3.72
C ASN A 282 -13.78 -30.70 -2.47
N LYS A 283 -13.79 -32.02 -2.53
CA LYS A 283 -13.33 -32.81 -1.40
C LYS A 283 -11.90 -32.46 -0.99
N VAL A 284 -11.07 -32.03 -1.95
CA VAL A 284 -9.67 -31.74 -1.62
C VAL A 284 -9.52 -30.60 -0.61
N GLN A 285 -10.53 -29.75 -0.53
CA GLN A 285 -10.51 -28.62 0.38
C GLN A 285 -11.20 -28.96 1.70
N GLY A 286 -11.79 -30.15 1.74
CA GLY A 286 -12.52 -30.58 2.93
C GLY A 286 -14.02 -30.37 2.86
N TYR A 287 -14.52 -29.92 1.71
CA TYR A 287 -15.96 -29.74 1.54
C TYR A 287 -16.68 -31.07 1.35
N ASP A 288 -17.97 -31.07 1.69
CA ASP A 288 -18.85 -32.19 1.41
C ASP A 288 -19.88 -31.73 0.38
N TYR A 289 -19.43 -31.53 -0.85
CA TYR A 289 -20.29 -31.06 -1.92
C TYR A 289 -19.63 -31.30 -3.26
N GLU A 290 -20.36 -31.89 -4.19
CA GLU A 290 -19.88 -32.00 -5.57
C GLU A 290 -21.02 -31.74 -6.52
N ALA A 291 -20.69 -31.23 -7.71
CA ALA A 291 -21.68 -30.99 -8.76
C ALA A 291 -20.98 -30.90 -10.11
N ASP A 292 -21.70 -31.25 -11.18
CA ASP A 292 -21.16 -31.07 -12.52
C ASP A 292 -20.61 -29.68 -12.68
N GLY A 293 -19.46 -29.56 -13.35
CA GLY A 293 -18.91 -28.26 -13.69
C GLY A 293 -18.55 -27.42 -12.48
N ASN A 294 -18.12 -28.09 -11.41
CA ASN A 294 -17.84 -27.40 -10.15
C ASN A 294 -16.61 -28.03 -9.53
N GLY A 295 -15.66 -27.22 -9.09
CA GLY A 295 -14.51 -27.80 -8.42
C GLY A 295 -13.43 -26.82 -8.08
N ILE A 296 -12.26 -27.35 -7.74
CA ILE A 296 -11.16 -26.54 -7.26
C ILE A 296 -9.94 -26.72 -8.17
N ILE A 297 -9.36 -25.60 -8.59
CA ILE A 297 -8.18 -25.65 -9.44
C ILE A 297 -6.99 -25.20 -8.60
N LEU A 298 -6.11 -26.14 -8.26
CA LEU A 298 -4.97 -25.90 -7.36
C LEU A 298 -3.76 -25.32 -8.08
N LEU A 299 -3.10 -24.37 -7.45
CA LEU A 299 -1.87 -23.82 -7.97
C LEU A 299 -0.75 -24.84 -7.80
N PRO A 300 0.23 -24.82 -8.70
CA PRO A 300 1.28 -25.85 -8.74
C PRO A 300 2.23 -25.79 -7.56
N GLU A 301 2.43 -24.60 -6.97
CA GLU A 301 3.49 -24.48 -5.97
C GLU A 301 3.25 -23.38 -4.95
N ARG A 302 3.82 -23.57 -3.76
CA ARG A 302 3.97 -22.50 -2.77
C ARG A 302 5.45 -22.20 -2.64
N THR A 303 5.77 -21.00 -2.18
CA THR A 303 7.17 -20.57 -2.11
C THR A 303 7.46 -20.05 -0.71
N VAL A 304 8.65 -20.34 -0.22
CA VAL A 304 9.11 -19.78 1.04
C VAL A 304 10.19 -18.77 0.71
N PHE A 305 10.01 -17.55 1.20
CA PHE A 305 10.96 -16.47 0.94
C PHE A 305 11.87 -16.27 2.13
N THR A 306 13.17 -16.13 1.85
CA THR A 306 14.18 -15.82 2.84
C THR A 306 15.09 -14.78 2.23
N LYS A 307 16.11 -14.34 2.98
CA LYS A 307 17.07 -13.39 2.44
C LYS A 307 17.77 -13.98 1.23
N GLU A 308 17.76 -15.32 1.13
CA GLU A 308 18.44 -15.99 0.02
C GLU A 308 17.77 -15.80 -1.35
N ASN A 309 16.45 -15.69 -1.39
CA ASN A 309 15.74 -15.61 -2.67
C ASN A 309 14.82 -14.42 -2.84
N ILE A 310 14.63 -13.64 -1.78
CA ILE A 310 13.67 -12.53 -1.86
C ILE A 310 14.07 -11.53 -2.93
N GLY A 311 15.38 -11.42 -3.19
CA GLY A 311 15.88 -10.53 -4.23
C GLY A 311 15.41 -10.90 -5.64
N ASN A 312 14.89 -12.12 -5.78
CA ASN A 312 14.50 -12.64 -7.09
C ASN A 312 13.04 -12.37 -7.45
N PHE A 313 12.35 -11.60 -6.62
CA PHE A 313 10.92 -11.37 -6.82
C PHE A 313 10.59 -9.89 -6.72
N ASP A 314 9.60 -9.46 -7.49
CA ASP A 314 9.17 -8.06 -7.51
C ASP A 314 7.65 -7.97 -7.65
N PHE A 315 6.94 -8.23 -6.55
CA PHE A 315 5.49 -8.11 -6.51
C PHE A 315 5.00 -8.00 -5.08
N GLU B 1 -18.32 28.09 -14.52
CA GLU B 1 -17.06 27.88 -13.80
C GLU B 1 -16.79 26.39 -13.56
N ASN B 2 -15.55 25.99 -13.83
CA ASN B 2 -15.09 24.66 -13.47
C ASN B 2 -15.13 24.45 -11.95
N GLN B 3 -15.52 23.25 -11.52
CA GLN B 3 -15.47 22.89 -10.11
C GLN B 3 -14.29 21.95 -9.89
N ILE B 4 -13.37 22.35 -9.02
CA ILE B 4 -12.12 21.60 -8.83
C ILE B 4 -11.90 21.21 -7.38
N ALA B 5 -11.66 19.92 -7.14
CA ALA B 5 -11.40 19.43 -5.80
C ALA B 5 -9.90 19.28 -5.56
N PHE B 6 -9.43 19.77 -4.43
CA PHE B 6 -8.02 19.71 -4.07
C PHE B 6 -7.97 18.92 -2.76
N ILE B 7 -7.45 17.70 -2.87
CA ILE B 7 -7.54 16.71 -1.80
C ILE B 7 -6.16 16.38 -1.23
N PRO B 8 -6.02 16.51 0.09
CA PRO B 8 -4.76 16.21 0.76
C PRO B 8 -4.72 14.75 1.19
N LYS B 9 -3.57 14.29 1.66
CA LYS B 9 -3.49 12.98 2.31
C LYS B 9 -4.42 12.98 3.52
N LEU B 10 -4.40 14.07 4.28
CA LEU B 10 -5.34 14.30 5.36
C LEU B 10 -5.40 15.79 5.67
N VAL B 11 -6.49 16.23 6.29
CA VAL B 11 -6.59 17.62 6.72
C VAL B 11 -5.94 17.75 8.09
N GLY B 12 -5.63 18.98 8.49
CA GLY B 12 -5.14 19.25 9.83
C GLY B 12 -3.64 19.14 10.03
N VAL B 13 -2.89 19.14 8.93
CA VAL B 13 -1.43 19.17 8.97
C VAL B 13 -0.99 20.41 8.20
N GLY B 14 -0.06 21.19 8.77
CA GLY B 14 0.34 22.46 8.18
C GLY B 14 0.59 22.44 6.68
N PHE B 15 1.39 21.49 6.23
CA PHE B 15 1.71 21.33 4.82
C PHE B 15 0.43 21.33 3.97
N PHE B 16 -0.55 20.55 4.38
CA PHE B 16 -1.74 20.40 3.56
C PHE B 16 -2.64 21.63 3.67
N THR B 17 -2.76 22.17 4.87
CA THR B 17 -3.54 23.39 5.08
C THR B 17 -3.02 24.51 4.17
N SER B 18 -1.72 24.68 4.09
CA SER B 18 -1.13 25.72 3.27
C SER B 18 -1.32 25.42 1.79
N GLY B 19 -1.06 24.16 1.41
CA GLY B 19 -1.30 23.72 0.05
C GLY B 19 -2.71 24.08 -0.36
N GLY B 20 -3.67 23.70 0.48
CA GLY B 20 -5.09 23.90 0.21
C GLY B 20 -5.46 25.38 0.06
N ALA B 21 -4.93 26.21 0.95
CA ALA B 21 -5.20 27.65 0.88
C ALA B 21 -4.71 28.23 -0.44
N GLY B 22 -3.56 27.76 -0.91
CA GLY B 22 -3.02 28.21 -2.19
C GLY B 22 -3.91 27.82 -3.36
N ALA B 23 -4.40 26.59 -3.32
CA ALA B 23 -5.31 26.10 -4.34
C ALA B 23 -6.62 26.89 -4.36
N VAL B 24 -7.21 27.09 -3.19
CA VAL B 24 -8.48 27.79 -3.08
C VAL B 24 -8.34 29.23 -3.59
N LYS B 25 -7.26 29.89 -3.18
CA LYS B 25 -6.97 31.25 -3.64
C LYS B 25 -6.77 31.29 -5.16
N ALA B 26 -6.11 30.28 -5.72
CA ALA B 26 -5.92 30.20 -7.16
C ALA B 26 -7.26 30.10 -7.90
N GLY B 27 -8.21 29.37 -7.32
CA GLY B 27 -9.54 29.27 -7.89
C GLY B 27 -10.18 30.65 -8.04
N GLU B 28 -10.06 31.46 -6.99
CA GLU B 28 -10.57 32.83 -7.04
C GLU B 28 -9.87 33.61 -8.13
N GLU B 29 -8.56 33.41 -8.26
CA GLU B 29 -7.78 34.16 -9.24
C GLU B 29 -8.17 33.78 -10.65
N VAL B 30 -8.34 32.49 -10.90
CA VAL B 30 -8.52 31.98 -12.26
C VAL B 30 -9.97 31.92 -12.75
N GLY B 31 -10.93 31.97 -11.82
CA GLY B 31 -12.33 31.82 -12.17
C GLY B 31 -12.84 30.39 -12.09
N ALA B 32 -12.32 29.63 -11.12
CA ALA B 32 -12.82 28.27 -10.91
C ALA B 32 -13.16 28.07 -9.45
N LYS B 33 -14.19 27.27 -9.17
CA LYS B 33 -14.57 27.01 -7.79
C LYS B 33 -13.72 25.87 -7.23
N VAL B 34 -12.84 26.19 -6.29
CA VAL B 34 -11.96 25.16 -5.73
C VAL B 34 -12.37 24.80 -4.32
N THR B 35 -12.49 23.50 -4.07
CA THR B 35 -12.83 23.00 -2.75
C THR B 35 -11.66 22.22 -2.20
N TYR B 36 -11.22 22.59 -1.00
CA TYR B 36 -10.14 21.88 -0.34
C TYR B 36 -10.75 21.04 0.77
N ASP B 37 -10.73 19.73 0.63
CA ASP B 37 -11.28 18.85 1.67
C ASP B 37 -10.66 17.47 1.53
N GLY B 38 -10.58 16.75 2.65
CA GLY B 38 -10.03 15.42 2.65
C GLY B 38 -10.34 14.76 3.97
N PRO B 39 -9.90 13.50 4.13
CA PRO B 39 -10.22 12.71 5.32
C PRO B 39 -9.40 13.15 6.53
N THR B 40 -9.88 12.86 7.72
CA THR B 40 -9.13 13.16 8.93
C THR B 40 -8.06 12.11 9.18
N GLU B 41 -8.25 10.92 8.59
CA GLU B 41 -7.22 9.87 8.59
C GLU B 41 -6.61 9.72 7.20
N PRO B 42 -5.29 9.50 7.13
CA PRO B 42 -4.60 9.29 5.86
C PRO B 42 -4.81 7.89 5.31
N SER B 43 -6.06 7.56 4.97
CA SER B 43 -6.40 6.19 4.59
C SER B 43 -6.93 6.08 3.16
N VAL B 44 -6.73 4.93 2.55
CA VAL B 44 -7.30 4.69 1.24
C VAL B 44 -8.81 4.89 1.27
N SER B 45 -9.49 4.27 2.24
CA SER B 45 -10.95 4.34 2.27
C SER B 45 -11.41 5.78 2.44
N GLY B 46 -10.70 6.53 3.29
CA GLY B 46 -11.01 7.92 3.50
C GLY B 46 -10.89 8.74 2.23
N GLN B 47 -9.78 8.58 1.53
CA GLN B 47 -9.55 9.35 0.31
C GLN B 47 -10.54 8.99 -0.79
N VAL B 48 -10.80 7.69 -0.91
CA VAL B 48 -11.74 7.22 -1.94
C VAL B 48 -13.16 7.73 -1.65
N GLN B 49 -13.51 7.85 -0.38
CA GLN B 49 -14.84 8.38 -0.04
C GLN B 49 -14.99 9.84 -0.51
N PHE B 50 -13.94 10.63 -0.33
CA PHE B 50 -13.94 12.01 -0.85
C PHE B 50 -13.95 12.06 -2.36
N ILE B 51 -13.14 11.22 -2.99
CA ILE B 51 -13.11 11.12 -4.45
C ILE B 51 -14.50 10.86 -5.02
N ASN B 52 -15.19 9.88 -4.46
CA ASN B 52 -16.54 9.52 -4.93
C ASN B 52 -17.56 10.62 -4.64
N ASN B 53 -17.38 11.29 -3.50
CA ASN B 53 -18.21 12.43 -3.14
C ASN B 53 -18.15 13.54 -4.18
N PHE B 54 -16.94 13.91 -4.59
CA PHE B 54 -16.77 14.99 -5.57
C PHE B 54 -17.22 14.57 -6.96
N VAL B 55 -16.87 13.35 -7.35
CA VAL B 55 -17.34 12.82 -8.63
C VAL B 55 -18.87 12.87 -8.68
N ASN B 56 -19.52 12.35 -7.63
CA ASN B 56 -20.97 12.32 -7.63
C ASN B 56 -21.62 13.71 -7.63
N GLN B 57 -20.92 14.70 -7.10
CA GLN B 57 -21.46 16.07 -7.04
C GLN B 57 -21.14 16.90 -8.28
N GLY B 58 -20.58 16.24 -9.30
CA GLY B 58 -20.36 16.89 -10.58
C GLY B 58 -19.10 17.72 -10.68
N TYR B 59 -18.11 17.45 -9.84
CA TYR B 59 -16.83 18.13 -9.98
C TYR B 59 -16.18 17.78 -11.33
N ASN B 60 -15.52 18.76 -11.92
CA ASN B 60 -14.86 18.59 -13.22
C ASN B 60 -13.44 18.04 -13.11
N ALA B 61 -12.78 18.34 -11.99
CA ALA B 61 -11.44 17.86 -11.75
C ALA B 61 -11.18 17.52 -10.28
N LEU B 62 -10.28 16.55 -10.07
CA LEU B 62 -9.78 16.17 -8.76
C LEU B 62 -8.26 16.27 -8.81
N ILE B 63 -7.67 16.86 -7.79
CA ILE B 63 -6.22 16.91 -7.65
C ILE B 63 -5.89 16.37 -6.26
N VAL B 64 -5.27 15.19 -6.23
CA VAL B 64 -5.12 14.46 -4.97
C VAL B 64 -3.67 14.13 -4.64
N SER B 65 -3.27 14.36 -3.39
CA SER B 65 -2.02 13.80 -2.89
C SER B 65 -2.33 12.46 -2.25
N SER B 66 -1.82 11.39 -2.85
CA SER B 66 -2.24 10.05 -2.48
C SER B 66 -1.51 9.43 -1.29
N VAL B 67 -2.26 8.74 -0.43
CA VAL B 67 -1.63 7.96 0.64
C VAL B 67 -1.10 6.62 0.11
N SER B 68 -1.41 6.30 -1.15
CA SER B 68 -1.14 4.96 -1.69
C SER B 68 -0.91 4.94 -3.21
N PRO B 69 0.11 4.18 -3.66
CA PRO B 69 0.38 4.15 -5.10
C PRO B 69 -0.75 3.44 -5.84
N ASP B 70 -1.36 2.47 -5.17
CA ASP B 70 -2.32 1.58 -5.82
C ASP B 70 -3.77 1.70 -5.33
N GLY B 71 -3.96 2.03 -4.05
CA GLY B 71 -5.26 1.99 -3.41
C GLY B 71 -6.35 2.84 -4.07
N LEU B 72 -5.97 3.95 -4.67
CA LEU B 72 -6.94 4.87 -5.28
C LEU B 72 -7.25 4.54 -6.72
N CYS B 73 -6.47 3.63 -7.30
CA CYS B 73 -6.50 3.40 -8.75
C CYS B 73 -7.86 3.04 -9.34
N PRO B 74 -8.52 1.98 -8.81
CA PRO B 74 -9.85 1.68 -9.37
C PRO B 74 -10.82 2.88 -9.33
N ALA B 75 -10.89 3.58 -8.20
CA ALA B 75 -11.81 4.71 -8.08
C ALA B 75 -11.42 5.87 -9.00
N LEU B 76 -10.13 6.16 -9.11
CA LEU B 76 -9.67 7.23 -10.02
C LEU B 76 -9.91 6.87 -11.48
N LYS B 77 -9.70 5.61 -11.83
CA LYS B 77 -9.98 5.18 -13.20
C LYS B 77 -11.48 5.31 -13.50
N ARG B 78 -12.33 4.96 -12.53
CA ARG B 78 -13.76 5.12 -12.71
C ARG B 78 -14.12 6.60 -12.87
N ALA B 79 -13.43 7.44 -12.11
CA ALA B 79 -13.63 8.87 -12.22
C ALA B 79 -13.26 9.32 -13.63
N MET B 80 -12.11 8.87 -14.12
CA MET B 80 -11.63 9.33 -15.42
C MET B 80 -12.58 8.88 -16.56
N GLU B 81 -13.15 7.69 -16.43
CA GLU B 81 -14.02 7.19 -17.48
C GLU B 81 -15.39 7.90 -17.47
N ARG B 82 -15.66 8.66 -16.41
CA ARG B 82 -16.84 9.51 -16.31
C ARG B 82 -16.58 10.92 -16.79
N GLY B 83 -15.38 11.20 -17.25
CA GLY B 83 -15.06 12.53 -17.76
C GLY B 83 -14.46 13.48 -16.75
N VAL B 84 -14.12 12.96 -15.57
CA VAL B 84 -13.46 13.79 -14.55
C VAL B 84 -11.95 13.84 -14.83
N LEU B 85 -11.38 15.03 -14.85
CA LEU B 85 -9.93 15.16 -14.98
C LEU B 85 -9.33 14.75 -13.65
N VAL B 86 -8.41 13.79 -13.68
CA VAL B 86 -7.75 13.35 -12.45
C VAL B 86 -6.28 13.72 -12.46
N MET B 87 -5.85 14.45 -11.43
CA MET B 87 -4.45 14.84 -11.31
C MET B 87 -3.93 14.48 -9.92
N THR B 88 -2.61 14.41 -9.77
CA THR B 88 -2.05 14.30 -8.44
C THR B 88 -1.15 15.49 -8.15
N TRP B 89 -0.94 15.75 -6.87
CA TRP B 89 0.09 16.68 -6.45
C TRP B 89 0.77 16.08 -5.23
N ASP B 90 2.04 16.43 -5.02
CA ASP B 90 2.77 16.00 -3.83
C ASP B 90 3.12 14.51 -3.89
N SER B 91 2.12 13.65 -3.65
CA SER B 91 2.34 12.20 -3.65
C SER B 91 1.50 11.54 -4.75
N ASP B 92 2.17 10.82 -5.64
CA ASP B 92 1.54 10.30 -6.86
C ASP B 92 0.75 9.01 -6.65
N VAL B 93 0.04 8.62 -7.70
CA VAL B 93 -0.49 7.27 -7.80
C VAL B 93 0.25 6.61 -8.96
N ASN B 94 -0.01 5.33 -9.20
CA ASN B 94 0.52 4.72 -10.40
C ASN B 94 0.10 5.57 -11.61
N PRO B 95 1.01 5.77 -12.57
CA PRO B 95 0.86 6.80 -13.62
C PRO B 95 -0.37 6.63 -14.51
N ASP B 96 -0.86 5.40 -14.66
CA ASP B 96 -2.04 5.20 -15.50
C ASP B 96 -3.35 5.46 -14.75
N CYS B 97 -3.23 5.89 -13.50
CA CYS B 97 -4.40 6.21 -12.68
C CYS B 97 -4.63 7.71 -12.54
N ARG B 98 -3.87 8.51 -13.28
CA ARG B 98 -4.05 9.96 -13.33
C ARG B 98 -3.57 10.53 -14.67
N SER B 99 -3.72 11.84 -14.87
CA SER B 99 -3.13 12.50 -16.02
C SER B 99 -1.79 13.16 -15.69
N TYR B 100 -1.83 14.24 -14.90
CA TYR B 100 -0.61 14.96 -14.55
C TYR B 100 -0.35 14.90 -13.05
N TYR B 101 0.94 14.90 -12.70
CA TYR B 101 1.39 14.89 -11.32
C TYR B 101 2.16 16.18 -11.11
N ILE B 102 1.67 17.03 -10.21
CA ILE B 102 2.37 18.26 -9.86
C ILE B 102 3.40 17.94 -8.77
N ASN B 103 4.67 17.90 -9.16
CA ASN B 103 5.69 17.17 -8.41
C ASN B 103 6.84 18.05 -7.94
N GLN B 104 7.06 18.11 -6.63
CA GLN B 104 8.12 18.94 -6.05
C GLN B 104 9.54 18.55 -6.45
N GLY B 105 9.74 17.31 -6.90
CA GLY B 105 11.08 16.90 -7.26
C GLY B 105 11.22 15.43 -7.58
N THR B 106 12.30 15.07 -8.24
CA THR B 106 12.56 13.66 -8.56
C THR B 106 13.04 12.95 -7.30
N PRO B 107 12.86 11.63 -7.24
CA PRO B 107 13.35 10.91 -6.07
C PRO B 107 14.85 11.12 -5.82
N GLU B 108 15.65 11.14 -6.89
CA GLU B 108 17.08 11.38 -6.74
C GLU B 108 17.33 12.78 -6.18
N GLN B 109 16.53 13.75 -6.61
CA GLN B 109 16.72 15.10 -6.12
C GLN B 109 16.36 15.22 -4.64
N LEU B 110 15.18 14.73 -4.28
CA LEU B 110 14.69 14.89 -2.91
C LEU B 110 15.40 13.95 -1.96
N GLY B 111 15.62 12.71 -2.42
CA GLY B 111 16.43 11.76 -1.66
C GLY B 111 17.83 12.31 -1.44
N GLY B 112 18.42 12.89 -2.48
CA GLY B 112 19.77 13.43 -2.37
C GLY B 112 19.84 14.58 -1.39
N LEU B 113 18.85 15.46 -1.45
CA LEU B 113 18.77 16.62 -0.57
C LEU B 113 18.72 16.22 0.90
N LEU B 114 17.91 15.21 1.21
CA LEU B 114 17.87 14.67 2.57
C LEU B 114 19.26 14.26 3.04
N VAL B 115 19.97 13.51 2.21
CA VAL B 115 21.31 13.03 2.55
C VAL B 115 22.32 14.20 2.69
N ASP B 116 22.30 15.11 1.73
CA ASP B 116 23.20 16.26 1.76
C ASP B 116 22.97 17.10 3.01
N MET B 117 21.71 17.29 3.37
CA MET B 117 21.37 18.06 4.58
C MET B 117 21.92 17.37 5.83
N ALA B 118 21.72 16.06 5.91
CA ALA B 118 22.19 15.27 7.03
C ALA B 118 23.71 15.32 7.13
N ALA B 119 24.37 15.18 5.99
CA ALA B 119 25.83 15.12 5.93
C ALA B 119 26.45 16.42 6.45
N GLU B 120 25.78 17.54 6.18
CA GLU B 120 26.28 18.84 6.63
C GLU B 120 26.40 18.89 8.15
N GLY B 121 25.56 18.13 8.83
CA GLY B 121 25.53 18.13 10.28
C GLY B 121 26.31 16.98 10.90
N VAL B 122 26.26 15.82 10.26
CA VAL B 122 26.99 14.66 10.76
C VAL B 122 28.48 14.92 10.81
N LYS B 123 29.08 15.26 9.67
CA LYS B 123 30.49 15.59 9.64
C LYS B 123 31.33 14.49 10.30
N LYS B 124 31.18 13.27 9.79
CA LYS B 124 32.00 12.14 10.22
C LYS B 124 31.68 10.91 9.36
N GLU B 125 32.67 10.03 9.19
CA GLU B 125 32.55 8.89 8.27
C GLU B 125 31.71 7.76 8.84
N LYS B 126 31.85 7.52 10.13
CA LYS B 126 31.10 6.46 10.77
C LYS B 126 30.01 7.08 11.63
N ALA B 127 28.75 6.80 11.30
CA ALA B 127 27.63 7.42 12.01
C ALA B 127 26.45 6.47 12.11
N LYS B 128 25.62 6.67 13.12
CA LYS B 128 24.38 5.92 13.24
C LYS B 128 23.20 6.80 12.82
N VAL B 129 22.38 6.31 11.90
CA VAL B 129 21.30 7.10 11.32
C VAL B 129 19.94 6.40 11.41
N ALA B 130 18.89 7.15 11.73
CA ALA B 130 17.53 6.61 11.73
C ALA B 130 16.70 7.31 10.66
N PHE B 131 15.91 6.55 9.91
CA PHE B 131 14.88 7.13 9.05
C PHE B 131 13.53 7.17 9.78
N PHE B 132 12.75 8.22 9.58
CA PHE B 132 11.53 8.40 10.35
C PHE B 132 10.54 9.18 9.50
N TYR B 133 9.49 8.52 9.00
CA TYR B 133 8.47 9.23 8.25
C TYR B 133 7.07 8.67 8.49
N SER B 134 6.14 8.86 7.55
CA SER B 134 4.73 8.55 7.81
C SER B 134 4.40 7.06 7.76
N SER B 135 4.63 6.41 6.62
CA SER B 135 4.24 5.02 6.49
C SER B 135 5.06 4.26 5.45
N PRO B 136 5.10 2.94 5.57
CA PRO B 136 5.89 2.13 4.62
C PRO B 136 5.24 1.98 3.25
N THR B 137 4.04 2.54 3.04
CA THR B 137 3.33 2.33 1.78
C THR B 137 3.05 3.61 0.99
N VAL B 138 3.16 4.77 1.63
CA VAL B 138 2.86 6.02 0.92
C VAL B 138 3.85 6.24 -0.23
N THR B 139 3.34 6.77 -1.35
CA THR B 139 4.11 6.79 -2.59
C THR B 139 5.34 7.67 -2.49
N ASP B 140 5.16 8.93 -2.12
CA ASP B 140 6.25 9.89 -2.20
C ASP B 140 7.40 9.61 -1.24
N GLN B 141 7.09 9.49 0.05
CA GLN B 141 8.14 9.41 1.06
C GLN B 141 8.97 8.14 0.88
N ASN B 142 8.34 7.07 0.41
CA ASN B 142 9.11 5.84 0.20
C ASN B 142 10.03 5.90 -1.01
N ALA B 143 9.61 6.62 -2.05
CA ALA B 143 10.46 6.81 -3.21
C ALA B 143 11.67 7.64 -2.82
N TRP B 144 11.45 8.69 -2.03
CA TRP B 144 12.58 9.51 -1.57
C TRP B 144 13.50 8.73 -0.62
N ALA B 145 12.91 7.98 0.30
CA ALA B 145 13.70 7.28 1.30
C ALA B 145 14.59 6.21 0.66
N GLU B 146 14.04 5.49 -0.31
CA GLU B 146 14.85 4.47 -0.99
C GLU B 146 15.97 5.12 -1.82
N ALA B 147 15.67 6.27 -2.40
CA ALA B 147 16.68 7.02 -3.14
C ALA B 147 17.79 7.46 -2.19
N ALA B 148 17.39 7.93 -1.01
CA ALA B 148 18.34 8.39 -0.01
C ALA B 148 19.16 7.23 0.54
N LYS B 149 18.53 6.07 0.72
CA LYS B 149 19.26 4.92 1.24
C LYS B 149 20.31 4.44 0.23
N ALA B 150 19.96 4.45 -1.05
CA ALA B 150 20.88 4.02 -2.09
C ALA B 150 22.08 4.97 -2.14
N LYS B 151 21.80 6.26 -2.01
CA LYS B 151 22.87 7.26 -1.99
C LYS B 151 23.76 7.07 -0.76
N ILE B 152 23.17 6.73 0.38
CA ILE B 152 23.94 6.54 1.61
C ILE B 152 24.85 5.31 1.52
N ALA B 153 24.28 4.18 1.11
CA ALA B 153 25.07 2.97 0.92
C ALA B 153 26.24 3.25 -0.03
N LYS B 154 26.01 4.11 -1.01
CA LYS B 154 27.02 4.40 -2.03
C LYS B 154 28.08 5.39 -1.56
N GLU B 155 27.64 6.55 -1.08
CA GLU B 155 28.56 7.65 -0.79
C GLU B 155 28.93 7.78 0.69
N HIS B 156 28.19 7.11 1.56
CA HIS B 156 28.46 7.18 3.00
C HIS B 156 28.50 5.77 3.57
N PRO B 157 29.44 4.94 3.09
CA PRO B 157 29.46 3.51 3.41
C PRO B 157 29.62 3.25 4.90
N GLY B 158 30.15 4.22 5.63
CA GLY B 158 30.39 4.10 7.06
C GLY B 158 29.16 4.43 7.90
N TRP B 159 28.12 4.93 7.25
CA TRP B 159 26.86 5.20 7.95
C TRP B 159 26.11 3.90 8.17
N GLU B 160 25.54 3.75 9.34
CA GLU B 160 24.70 2.59 9.62
C GLU B 160 23.27 3.05 9.85
N ILE B 161 22.35 2.60 9.01
CA ILE B 161 20.94 2.88 9.23
C ILE B 161 20.42 1.93 10.30
N VAL B 162 20.23 2.43 11.52
CA VAL B 162 19.85 1.57 12.64
C VAL B 162 18.36 1.22 12.69
N THR B 163 17.52 2.09 12.13
CA THR B 163 16.09 1.80 12.11
C THR B 163 15.38 2.65 11.08
N THR B 164 14.23 2.15 10.61
CA THR B 164 13.29 2.97 9.87
C THR B 164 11.93 2.87 10.58
N GLN B 165 11.43 3.99 11.08
CA GLN B 165 10.22 3.95 11.89
C GLN B 165 9.19 4.96 11.38
N TYR B 166 7.95 4.81 11.83
CA TYR B 166 6.81 5.49 11.22
C TYR B 166 5.93 6.21 12.24
N GLY B 167 5.42 7.37 11.84
CA GLY B 167 4.57 8.17 12.70
C GLY B 167 3.18 8.43 12.13
N TYR B 168 2.92 7.89 10.93
CA TYR B 168 1.58 7.86 10.36
C TYR B 168 0.84 9.20 10.26
N ASN B 169 1.56 10.27 9.95
CA ASN B 169 0.92 11.58 9.80
C ASN B 169 0.16 11.99 11.05
N ASP B 170 0.58 11.48 12.20
CA ASP B 170 -0.14 11.77 13.44
C ASP B 170 0.78 12.39 14.48
N ALA B 171 0.39 13.54 15.02
CA ALA B 171 1.23 14.23 16.00
C ALA B 171 1.57 13.38 17.23
N GLN B 172 0.56 12.81 17.87
CA GLN B 172 0.76 11.99 19.06
C GLN B 172 1.72 10.83 18.79
N LYS B 173 1.40 10.04 17.77
CA LYS B 173 2.21 8.87 17.45
C LYS B 173 3.66 9.27 17.08
N SER B 174 3.81 10.37 16.35
CA SER B 174 5.12 10.78 15.88
C SER B 174 6.02 11.19 17.05
N LEU B 175 5.46 11.94 18.00
CA LEU B 175 6.22 12.35 19.17
C LEU B 175 6.65 11.11 19.95
N GLN B 176 5.71 10.21 20.20
CA GLN B 176 6.02 8.98 20.95
C GLN B 176 7.08 8.14 20.23
N THR B 177 6.97 8.04 18.92
CA THR B 177 7.95 7.29 18.13
C THR B 177 9.31 7.97 18.17
N ALA B 178 9.31 9.30 18.02
CA ALA B 178 10.54 10.08 18.11
C ALA B 178 11.28 9.85 19.43
N GLU B 179 10.54 9.91 20.53
CA GLU B 179 11.16 9.72 21.84
C GLU B 179 11.72 8.30 21.96
N SER B 180 10.97 7.33 21.44
CA SER B 180 11.42 5.93 21.49
C SER B 180 12.71 5.72 20.68
N ILE B 181 12.76 6.31 19.49
CA ILE B 181 13.97 6.24 18.69
C ILE B 181 15.18 6.73 19.50
N LEU B 182 15.05 7.91 20.11
CA LEU B 182 16.16 8.48 20.87
C LEU B 182 16.54 7.64 22.08
N GLN B 183 15.54 7.17 22.82
CA GLN B 183 15.80 6.36 24.01
C GLN B 183 16.45 5.03 23.66
N THR B 184 16.01 4.47 22.53
CA THR B 184 16.50 3.18 22.06
C THR B 184 17.93 3.24 21.50
N TYR B 185 18.35 4.40 21.01
CA TYR B 185 19.67 4.58 20.40
C TYR B 185 20.40 5.76 21.04
N PRO B 186 21.09 5.51 22.16
CA PRO B 186 21.77 6.56 22.93
C PRO B 186 22.91 7.22 22.15
N ASP B 187 23.44 6.54 21.15
CA ASP B 187 24.53 7.07 20.35
C ASP B 187 24.11 7.42 18.92
N LEU B 188 22.81 7.67 18.74
CA LEU B 188 22.31 8.05 17.42
C LEU B 188 23.00 9.34 16.97
N ASP B 189 23.36 9.43 15.68
CA ASP B 189 24.03 10.64 15.19
C ASP B 189 23.11 11.50 14.33
N ALA B 190 22.08 10.88 13.75
CA ALA B 190 21.20 11.63 12.86
C ALA B 190 19.83 10.99 12.69
N ILE B 191 18.85 11.83 12.44
CA ILE B 191 17.51 11.39 12.08
C ILE B 191 17.18 12.08 10.77
N ILE B 192 16.71 11.31 9.79
CA ILE B 192 16.29 11.85 8.50
C ILE B 192 14.78 11.65 8.42
N ALA B 193 14.04 12.76 8.38
CA ALA B 193 12.59 12.68 8.57
C ALA B 193 11.83 13.38 7.45
N PRO B 194 11.67 12.68 6.31
CA PRO B 194 10.93 13.19 5.14
C PRO B 194 9.41 13.13 5.32
N ASP B 195 8.91 13.76 6.38
CA ASP B 195 7.48 13.84 6.62
C ASP B 195 7.15 15.05 7.49
N ALA B 196 6.10 15.76 7.10
CA ALA B 196 5.71 17.01 7.74
C ALA B 196 5.45 16.91 9.24
N ASN B 197 5.01 15.73 9.71
CA ASN B 197 4.78 15.48 11.14
C ASN B 197 6.00 14.87 11.84
N ALA B 198 6.67 13.95 11.15
CA ALA B 198 7.85 13.28 11.70
C ALA B 198 8.96 14.26 12.08
N LEU B 199 9.24 15.22 11.22
CA LEU B 199 10.36 16.13 11.45
C LEU B 199 10.20 16.98 12.73
N PRO B 200 9.06 17.68 12.88
CA PRO B 200 8.88 18.44 14.12
C PRO B 200 8.79 17.56 15.37
N ALA B 201 8.20 16.36 15.23
CA ALA B 201 8.18 15.43 16.34
C ALA B 201 9.59 15.10 16.79
N ALA B 202 10.48 14.85 15.83
CA ALA B 202 11.88 14.51 16.13
C ALA B 202 12.54 15.67 16.84
N ALA B 203 12.32 16.88 16.33
CA ALA B 203 12.89 18.08 16.93
C ALA B 203 12.36 18.26 18.35
N GLN B 204 11.04 18.08 18.53
CA GLN B 204 10.43 18.21 19.85
C GLN B 204 10.97 17.16 20.81
N ALA B 205 11.09 15.93 20.32
CA ALA B 205 11.61 14.83 21.14
C ALA B 205 13.03 15.13 21.59
N ALA B 206 13.81 15.69 20.67
CA ALA B 206 15.19 16.06 20.95
C ALA B 206 15.28 17.10 22.07
N GLU B 207 14.36 18.06 22.06
CA GLU B 207 14.29 19.06 23.13
C GLU B 207 13.86 18.43 24.46
N ASN B 208 12.81 17.61 24.41
CA ASN B 208 12.29 16.95 25.61
C ASN B 208 13.36 16.10 26.30
N LEU B 209 14.23 15.47 25.51
CA LEU B 209 15.17 14.50 26.04
C LEU B 209 16.61 15.04 26.11
N LYS B 210 16.78 16.31 25.78
CA LYS B 210 18.07 16.99 25.79
C LYS B 210 19.11 16.33 24.88
N ARG B 211 18.67 15.92 23.69
CA ARG B 211 19.55 15.19 22.77
C ARG B 211 19.88 15.98 21.51
N ALA B 212 19.47 17.25 21.48
CA ALA B 212 19.59 18.03 20.24
C ALA B 212 21.02 18.32 19.81
N GLU B 213 21.94 18.30 20.78
CA GLU B 213 23.34 18.62 20.51
C GLU B 213 24.09 17.46 19.86
N GLY B 214 23.61 16.24 20.10
CA GLY B 214 24.29 15.06 19.62
C GLY B 214 23.64 14.42 18.41
N VAL B 215 22.46 14.90 18.02
CA VAL B 215 21.72 14.29 16.91
C VAL B 215 21.42 15.31 15.84
N THR B 216 21.92 15.08 14.63
CA THR B 216 21.62 15.95 13.51
C THR B 216 20.26 15.55 12.95
N ILE B 217 19.32 16.49 12.94
CA ILE B 217 17.96 16.18 12.54
C ILE B 217 17.60 17.00 11.31
N VAL B 218 17.27 16.31 10.21
CA VAL B 218 16.88 16.97 8.98
C VAL B 218 15.63 16.28 8.42
N GLY B 219 14.96 16.91 7.47
CA GLY B 219 13.76 16.31 6.93
C GLY B 219 12.98 17.32 6.14
N PHE B 220 11.72 17.01 5.88
CA PHE B 220 10.82 17.88 5.12
C PHE B 220 9.64 18.29 6.00
N SER B 221 9.46 19.58 6.21
CA SER B 221 8.25 20.08 6.85
C SER B 221 8.10 21.58 6.52
N THR B 222 7.11 22.23 7.11
CA THR B 222 6.81 23.62 6.72
C THR B 222 7.58 24.63 7.58
N PRO B 223 7.91 25.78 7.00
CA PRO B 223 8.61 26.79 7.81
C PRO B 223 7.79 27.21 9.02
N ASN B 224 6.48 27.41 8.84
CA ASN B 224 5.65 27.85 9.97
C ASN B 224 5.66 26.87 11.14
N VAL B 225 5.72 25.58 10.86
CA VAL B 225 5.77 24.58 11.92
C VAL B 225 7.17 24.41 12.51
N MET B 226 8.20 24.57 11.69
CA MET B 226 9.58 24.33 12.12
C MET B 226 10.23 25.52 12.80
N ARG B 227 9.66 26.70 12.57
CA ARG B 227 10.25 27.97 13.02
C ARG B 227 10.80 27.97 14.45
N PRO B 228 9.99 27.55 15.44
CA PRO B 228 10.49 27.58 16.83
C PRO B 228 11.76 26.74 17.02
N TYR B 229 11.78 25.55 16.41
CA TYR B 229 12.93 24.66 16.52
C TYR B 229 14.17 25.26 15.85
N ILE B 230 13.97 25.97 14.75
CA ILE B 230 15.08 26.63 14.09
C ILE B 230 15.58 27.79 14.95
N GLU B 231 14.64 28.55 15.50
CA GLU B 231 14.99 29.70 16.30
C GLU B 231 15.75 29.31 17.55
N ARG B 232 15.38 28.18 18.14
CA ARG B 232 16.04 27.71 19.35
C ARG B 232 17.36 26.99 19.08
N GLY B 233 17.70 26.79 17.81
CA GLY B 233 18.92 26.10 17.42
C GLY B 233 18.85 24.60 17.58
N THR B 234 17.64 24.08 17.78
CA THR B 234 17.43 22.65 17.96
C THR B 234 17.80 21.89 16.69
N ILE B 235 17.43 22.43 15.54
CA ILE B 235 17.96 21.91 14.29
C ILE B 235 18.53 23.04 13.43
N GLN B 236 19.50 22.69 12.59
CA GLN B 236 20.22 23.66 11.78
C GLN B 236 19.54 23.91 10.45
N ARG B 237 19.00 22.86 9.83
CA ARG B 237 18.41 23.02 8.53
C ARG B 237 17.36 21.93 8.26
N PHE B 238 16.47 22.21 7.31
CA PHE B 238 15.52 21.24 6.78
C PHE B 238 15.12 21.73 5.39
N GLY B 239 14.39 20.89 4.64
CA GLY B 239 14.02 21.29 3.29
C GLY B 239 12.54 21.25 3.01
N LEU B 240 12.13 22.00 1.99
CA LEU B 240 10.79 21.85 1.44
C LEU B 240 10.76 22.60 0.11
N TRP B 241 9.60 23.17 -0.20
CA TRP B 241 9.36 23.87 -1.46
C TRP B 241 8.15 24.74 -1.17
N ASP B 242 7.79 25.64 -2.09
CA ASP B 242 6.66 26.53 -1.82
C ASP B 242 5.35 25.81 -2.03
N VAL B 243 4.79 25.25 -0.96
CA VAL B 243 3.59 24.42 -1.09
C VAL B 243 2.36 25.28 -1.40
N THR B 244 2.38 26.54 -1.00
CA THR B 244 1.32 27.46 -1.40
C THR B 244 1.26 27.52 -2.93
N GLN B 245 2.41 27.78 -3.52
CA GLN B 245 2.56 27.85 -4.96
C GLN B 245 2.22 26.52 -5.63
N GLN B 246 2.57 25.42 -4.96
CA GLN B 246 2.22 24.10 -5.47
C GLN B 246 0.71 23.95 -5.64
N GLY B 247 -0.06 24.42 -4.67
CA GLY B 247 -1.50 24.32 -4.76
C GLY B 247 -2.02 25.20 -5.89
N LYS B 248 -1.40 26.36 -6.03
CA LYS B 248 -1.82 27.31 -7.08
C LYS B 248 -1.53 26.75 -8.46
N ILE B 249 -0.32 26.23 -8.66
CA ILE B 249 0.06 25.59 -9.91
C ILE B 249 -0.92 24.47 -10.27
N SER B 250 -1.28 23.65 -9.28
CA SER B 250 -2.23 22.56 -9.53
C SER B 250 -3.55 23.07 -10.13
N VAL B 251 -4.13 24.07 -9.48
CA VAL B 251 -5.39 24.64 -9.95
C VAL B 251 -5.28 25.27 -11.35
N PHE B 252 -4.20 26.02 -11.60
CA PHE B 252 -4.02 26.65 -12.91
C PHE B 252 -3.84 25.63 -14.02
N VAL B 253 -3.13 24.55 -13.71
CA VAL B 253 -2.97 23.47 -14.70
C VAL B 253 -4.30 22.76 -14.98
N ALA B 254 -5.04 22.44 -13.92
CA ALA B 254 -6.35 21.80 -14.08
C ALA B 254 -7.26 22.67 -14.93
N ASP B 255 -7.40 23.94 -14.56
CA ASP B 255 -8.31 24.81 -15.29
C ASP B 255 -7.92 24.91 -16.78
N HIS B 256 -6.62 25.05 -17.03
CA HIS B 256 -6.10 25.14 -18.39
C HIS B 256 -6.44 23.90 -19.21
N VAL B 257 -6.22 22.73 -18.61
CA VAL B 257 -6.51 21.48 -19.31
C VAL B 257 -8.00 21.33 -19.58
N LEU B 258 -8.82 21.69 -18.61
CA LEU B 258 -10.26 21.59 -18.78
C LEU B 258 -10.70 22.49 -19.93
N LYS B 259 -10.07 23.64 -20.05
CA LYS B 259 -10.49 24.63 -21.05
C LYS B 259 -9.89 24.43 -22.45
N ASN B 260 -8.67 23.94 -22.51
CA ASN B 260 -7.92 23.91 -23.76
C ASN B 260 -7.46 22.52 -24.23
N GLY B 261 -7.72 21.49 -23.41
CA GLY B 261 -7.38 20.13 -23.77
C GLY B 261 -6.08 19.62 -23.17
N PRO B 262 -5.72 18.37 -23.47
CA PRO B 262 -4.51 17.68 -22.96
C PRO B 262 -3.19 18.32 -23.41
N MET B 263 -2.18 18.27 -22.55
CA MET B 263 -0.84 18.75 -22.90
C MET B 263 0.10 17.59 -23.17
N LYS B 264 0.92 17.71 -24.21
CA LYS B 264 1.96 16.69 -24.48
C LYS B 264 3.20 16.97 -23.66
N VAL B 265 4.07 15.96 -23.55
CA VAL B 265 5.41 16.15 -22.99
C VAL B 265 6.10 17.26 -23.77
N GLY B 266 6.70 18.20 -23.05
CA GLY B 266 7.41 19.29 -23.68
C GLY B 266 6.58 20.56 -23.78
N GLU B 267 5.29 20.44 -23.50
CA GLU B 267 4.39 21.60 -23.58
C GLU B 267 4.48 22.46 -22.33
N LYS B 268 4.34 23.77 -22.52
CA LYS B 268 4.57 24.72 -21.43
C LYS B 268 3.32 25.53 -21.13
N LEU B 269 3.26 26.06 -19.90
CA LEU B 269 2.14 26.86 -19.46
C LEU B 269 2.64 28.01 -18.59
N GLU B 270 2.16 29.22 -18.85
CA GLU B 270 2.47 30.35 -17.95
C GLU B 270 1.47 30.35 -16.81
N ILE B 271 1.97 30.51 -15.59
CA ILE B 271 1.11 30.65 -14.43
C ILE B 271 1.45 31.97 -13.77
N PRO B 272 0.46 32.89 -13.69
CA PRO B 272 0.66 34.23 -13.14
C PRO B 272 1.35 34.18 -11.79
N GLY B 273 2.34 35.04 -11.61
CA GLY B 273 3.00 35.16 -10.32
C GLY B 273 3.96 34.02 -10.02
N VAL B 274 4.05 33.08 -10.95
CA VAL B 274 4.90 31.91 -10.79
C VAL B 274 5.87 31.77 -11.96
N GLY B 275 5.33 31.88 -13.17
CA GLY B 275 6.16 31.76 -14.36
C GLY B 275 5.83 30.53 -15.18
N THR B 276 6.86 29.93 -15.79
CA THR B 276 6.67 28.83 -16.73
C THR B 276 6.74 27.49 -16.03
N VAL B 277 5.77 26.61 -16.31
CA VAL B 277 5.87 25.20 -15.93
C VAL B 277 5.73 24.34 -17.18
N GLU B 278 6.27 23.13 -17.12
CA GLU B 278 6.39 22.29 -18.31
C GLU B 278 6.03 20.84 -18.00
N VAL B 279 5.47 20.14 -18.98
CA VAL B 279 5.20 18.71 -18.82
C VAL B 279 6.42 17.86 -19.18
N SER B 280 6.83 17.01 -18.24
CA SER B 280 7.92 16.08 -18.46
C SER B 280 7.37 14.65 -18.60
N ALA B 281 8.14 13.77 -19.20
CA ALA B 281 7.78 12.36 -19.26
C ALA B 281 7.72 11.74 -17.86
N ASN B 282 6.89 10.72 -17.70
CA ASN B 282 6.82 9.99 -16.43
C ASN B 282 8.17 9.41 -16.05
N LYS B 283 9.01 9.23 -17.07
CA LYS B 283 10.31 8.61 -16.91
C LYS B 283 11.17 9.37 -15.90
N VAL B 284 11.01 10.68 -15.81
CA VAL B 284 11.80 11.47 -14.87
C VAL B 284 11.62 10.99 -13.42
N GLN B 285 10.48 10.37 -13.14
CA GLN B 285 10.16 9.88 -11.80
C GLN B 285 10.63 8.42 -11.64
N GLY B 286 11.06 7.82 -12.75
CA GLY B 286 11.51 6.43 -12.74
C GLY B 286 10.46 5.43 -13.20
N TYR B 287 9.32 5.93 -13.65
CA TYR B 287 8.24 5.06 -14.12
C TYR B 287 8.58 4.52 -15.50
N ASP B 288 7.94 3.42 -15.86
CA ASP B 288 8.00 2.94 -17.24
C ASP B 288 6.59 2.93 -17.81
N TYR B 289 6.13 4.12 -18.19
CA TYR B 289 4.79 4.30 -18.71
C TYR B 289 4.69 5.69 -19.30
N GLU B 290 4.15 5.81 -20.50
CA GLU B 290 3.84 7.11 -21.09
C GLU B 290 2.54 6.97 -21.85
N ALA B 291 1.79 8.06 -21.96
CA ALA B 291 0.48 8.01 -22.60
C ALA B 291 0.03 9.42 -23.00
N ASP B 292 -1.01 9.48 -23.82
CA ASP B 292 -1.56 10.74 -24.30
C ASP B 292 -2.13 11.54 -23.13
N GLY B 293 -1.84 12.84 -23.11
CA GLY B 293 -2.34 13.72 -22.08
C GLY B 293 -1.92 13.28 -20.69
N ASN B 294 -0.65 12.92 -20.55
CA ASN B 294 -0.16 12.33 -19.32
C ASN B 294 1.30 12.70 -19.05
N GLY B 295 1.61 13.07 -17.82
CA GLY B 295 3.00 13.33 -17.47
C GLY B 295 3.19 14.04 -16.15
N ILE B 296 4.41 14.54 -15.95
CA ILE B 296 4.81 15.09 -14.67
C ILE B 296 5.23 16.54 -14.83
N ILE B 297 4.64 17.40 -14.00
CA ILE B 297 5.01 18.81 -14.00
C ILE B 297 5.85 19.10 -12.76
N LEU B 298 7.14 19.30 -12.95
CA LEU B 298 8.06 19.53 -11.83
C LEU B 298 8.01 20.97 -11.32
N LEU B 299 8.02 21.16 -10.01
CA LEU B 299 8.13 22.51 -9.46
C LEU B 299 9.56 23.02 -9.71
N PRO B 300 9.68 24.32 -9.97
CA PRO B 300 10.99 24.89 -10.32
C PRO B 300 12.05 24.77 -9.21
N GLU B 301 11.67 24.98 -7.96
CA GLU B 301 12.66 25.12 -6.88
C GLU B 301 12.40 24.26 -5.64
N ARG B 302 13.50 23.79 -5.05
CA ARG B 302 13.47 23.20 -3.72
C ARG B 302 14.35 24.08 -2.83
N THR B 303 13.98 24.21 -1.56
CA THR B 303 14.61 25.19 -0.68
C THR B 303 15.10 24.58 0.62
N VAL B 304 16.32 24.95 1.01
CA VAL B 304 16.85 24.58 2.33
C VAL B 304 16.63 25.74 3.29
N PHE B 305 15.93 25.47 4.38
CA PHE B 305 15.57 26.49 5.35
C PHE B 305 16.54 26.46 6.53
N THR B 306 17.10 27.63 6.86
CA THR B 306 17.93 27.80 8.04
C THR B 306 17.47 29.02 8.82
N LYS B 307 18.09 29.28 9.96
CA LYS B 307 17.77 30.45 10.75
C LYS B 307 17.84 31.70 9.87
N GLU B 308 18.71 31.64 8.87
CA GLU B 308 19.08 32.80 8.06
C GLU B 308 18.02 33.25 7.05
N ASN B 309 17.21 32.31 6.56
CA ASN B 309 16.21 32.64 5.55
C ASN B 309 14.77 32.28 5.92
N ILE B 310 14.60 31.54 7.01
CA ILE B 310 13.27 31.03 7.38
C ILE B 310 12.25 32.17 7.60
N GLY B 311 12.74 33.36 7.94
CA GLY B 311 11.86 34.50 8.15
C GLY B 311 11.21 35.03 6.87
N ASN B 312 11.78 34.63 5.72
CA ASN B 312 11.28 35.09 4.43
C ASN B 312 10.14 34.25 3.87
N PHE B 313 9.66 33.29 4.66
CA PHE B 313 8.65 32.34 4.19
C PHE B 313 7.48 32.23 5.18
N ASP B 314 6.28 32.04 4.64
CA ASP B 314 5.07 31.99 5.44
C ASP B 314 4.11 30.95 4.89
N PHE B 315 4.37 29.69 5.18
CA PHE B 315 3.45 28.61 4.87
C PHE B 315 3.84 27.41 5.72
O2 PAV C . -2.73 -14.34 3.41
C2 PAV C . -3.18 -13.49 2.36
C1 PAV C . -2.11 -13.19 1.34
O5 PAV C . -3.64 -12.32 3.03
C5 PAV C . -4.70 -11.74 2.23
C4 PAV C . -5.12 -12.77 1.16
O4 PAV C . -6.52 -12.95 1.07
C3 PAV C . -4.46 -14.08 1.72
O3 PAV C . -5.33 -14.67 2.66
O13 PAV C . -4.11 -15.03 0.73
O2 PAV D . 7.10 15.26 3.49
C2 PAV D . 5.86 15.92 3.34
C1 PAV D . 5.99 17.41 3.26
O5 PAV D . 5.08 15.46 4.43
C5 PAV D . 3.71 15.25 4.02
C4 PAV D . 3.66 15.51 2.51
O4 PAV D . 2.85 14.57 1.82
C3 PAV D . 5.13 15.32 2.08
O3 PAV D . 5.51 13.97 1.92
O13 PAV D . 5.48 16.06 0.94
#